data_3SP8
#
_entry.id   3SP8
#
_cell.length_a   75.980
_cell.length_b   75.980
_cell.length_c   199.620
_cell.angle_alpha   90.00
_cell.angle_beta   90.00
_cell.angle_gamma   120.00
#
_symmetry.space_group_name_H-M   'P 61'
#
loop_
_entity.id
_entity.type
_entity.pdbx_description
1 polymer 'Hepatocyte growth factor alpha chain'
2 non-polymer (4R)-2-METHYLPENTANE-2,4-DIOL
3 non-polymer '2-(N-MORPHOLINO)-ETHANESULFONIC ACID'
4 non-polymer (4S)-2-METHYL-2,4-PENTANEDIOL
5 non-polymer 'SULFATE ION'
6 water water
#
_entity_poly.entity_id   1
_entity_poly.type   'polypeptide(L)'
_entity_poly.pdbx_seq_one_letter_code
;GSYAEGQRKRRNTIHEFKKSAKTTLIKIDPALKIKTKKVNTADQCANRCTRNKGLPFTCKAFVFDKARKQCLWFPFNSMS
SGVKKEFGHEFDLYENKDYIRNCIIGKGRSYKGTVSITKSDIKCQPWSSMIPHEHSFLPSSYRGKDLQENYCRNPRGEEG
GPWCFTSNPEVRYEVCDIPQCSEVECMTSNGESYRGLMDHTESGKICQRWDHQTPHRHKFLPERYPDKGFDDNYCRNPDG
QPRPWCYTLDPHTRWEYCKIKTCK
;
_entity_poly.pdbx_strand_id   A,B
#
# COMPACT_ATOMS: atom_id res chain seq x y z
N ARG A 10 27.28 -19.53 6.53
CA ARG A 10 25.89 -19.39 6.11
C ARG A 10 25.09 -18.62 7.15
N ARG A 11 24.18 -17.76 6.69
CA ARG A 11 23.42 -16.91 7.60
C ARG A 11 21.90 -17.02 7.46
N ASN A 12 21.41 -17.24 6.24
CA ASN A 12 19.97 -17.39 6.00
C ASN A 12 19.07 -16.62 6.97
N THR A 13 18.76 -15.38 6.63
CA THR A 13 18.04 -14.49 7.53
C THR A 13 16.72 -13.97 6.95
N ILE A 14 16.34 -14.48 5.78
CA ILE A 14 15.13 -13.99 5.13
C ILE A 14 13.90 -14.26 5.99
N HIS A 15 14.02 -15.22 6.90
CA HIS A 15 12.94 -15.60 7.80
CA HIS A 15 12.90 -15.57 7.75
C HIS A 15 12.64 -14.48 8.78
N GLU A 16 13.57 -13.53 8.90
CA GLU A 16 13.41 -12.38 9.79
C GLU A 16 12.56 -11.28 9.18
N PHE A 17 12.09 -11.49 7.95
CA PHE A 17 11.41 -10.43 7.20
C PHE A 17 9.93 -10.69 6.93
N LYS A 18 9.15 -9.62 6.90
CA LYS A 18 7.76 -9.68 6.47
C LYS A 18 7.68 -9.32 5.00
N LYS A 19 7.16 -10.23 4.18
CA LYS A 19 7.06 -9.99 2.74
C LYS A 19 5.72 -9.38 2.34
N SER A 20 5.76 -8.37 1.47
CA SER A 20 4.56 -7.85 0.84
C SER A 20 4.76 -8.03 -0.66
N ALA A 21 4.11 -9.05 -1.22
CA ALA A 21 4.30 -9.38 -2.63
C ALA A 21 3.72 -8.28 -3.54
N LYS A 22 4.31 -8.13 -4.73
CA LYS A 22 3.83 -7.14 -5.70
C LYS A 22 3.73 -5.76 -5.08
N THR A 23 4.71 -5.42 -4.25
CA THR A 23 4.71 -4.17 -3.51
C THR A 23 6.09 -3.54 -3.53
N THR A 24 6.14 -2.24 -3.74
CA THR A 24 7.38 -1.50 -3.55
C THR A 24 7.07 -0.33 -2.62
N LEU A 25 8.08 0.49 -2.35
CA LEU A 25 7.89 1.69 -1.53
C LEU A 25 8.24 2.91 -2.34
N ILE A 26 7.37 3.91 -2.28
CA ILE A 26 7.55 5.16 -3.01
C ILE A 26 7.96 6.25 -2.04
N LYS A 27 8.92 7.08 -2.43
CA LYS A 27 9.35 8.19 -1.60
C LYS A 27 8.35 9.34 -1.53
N ILE A 28 8.05 9.79 -0.32
CA ILE A 28 7.39 11.08 -0.11
C ILE A 28 8.45 12.11 0.26
N ASP A 29 9.30 11.74 1.22
CA ASP A 29 10.43 12.57 1.64
C ASP A 29 11.49 12.48 0.55
N PRO A 30 11.82 13.60 -0.09
CA PRO A 30 12.75 13.58 -1.23
C PRO A 30 14.20 13.28 -0.84
N ALA A 31 14.50 13.34 0.46
CA ALA A 31 15.87 13.15 0.94
C ALA A 31 16.33 11.70 0.98
N LEU A 32 15.40 10.76 0.97
CA LEU A 32 15.74 9.36 1.26
C LEU A 32 16.62 8.69 0.20
N LYS A 33 17.64 7.98 0.66
CA LYS A 33 18.61 7.32 -0.21
C LYS A 33 18.44 5.80 -0.18
N ILE A 34 18.77 5.14 -1.28
CA ILE A 34 18.75 3.68 -1.32
C ILE A 34 20.05 3.17 -1.95
N LYS A 35 20.33 1.89 -1.77
CA LYS A 35 21.48 1.27 -2.41
C LYS A 35 20.98 0.07 -3.18
N THR A 36 21.55 -0.17 -4.36
CA THR A 36 21.10 -1.26 -5.22
C THR A 36 22.26 -2.14 -5.67
N LYS A 37 21.93 -3.34 -6.14
CA LYS A 37 22.93 -4.25 -6.69
C LYS A 37 22.25 -5.43 -7.38
N LYS A 38 22.88 -5.94 -8.44
CA LYS A 38 22.35 -7.09 -9.15
CA LYS A 38 22.35 -7.09 -9.14
C LYS A 38 22.60 -8.34 -8.32
N VAL A 39 21.52 -9.04 -7.97
CA VAL A 39 21.61 -10.21 -7.11
C VAL A 39 20.62 -11.28 -7.58
N ASN A 40 20.99 -12.54 -7.43
CA ASN A 40 20.19 -13.66 -7.93
C ASN A 40 18.91 -13.96 -7.13
N THR A 41 18.96 -13.83 -5.81
CA THR A 41 17.81 -14.19 -4.98
C THR A 41 17.50 -13.19 -3.88
N ALA A 42 16.25 -13.21 -3.40
CA ALA A 42 15.84 -12.36 -2.29
C ALA A 42 16.59 -12.74 -1.03
N ASP A 43 16.92 -14.02 -0.91
CA ASP A 43 17.67 -14.53 0.23
C ASP A 43 18.98 -13.77 0.41
N GLN A 44 19.63 -13.46 -0.71
CA GLN A 44 20.89 -12.71 -0.68
C GLN A 44 20.66 -11.27 -0.22
N CYS A 45 19.58 -10.64 -0.71
CA CYS A 45 19.24 -9.30 -0.26
C CYS A 45 19.07 -9.30 1.25
N ALA A 46 18.35 -10.29 1.75
CA ALA A 46 18.09 -10.41 3.18
C ALA A 46 19.40 -10.50 3.97
N ASN A 47 20.27 -11.42 3.57
CA ASN A 47 21.55 -11.60 4.25
C ASN A 47 22.37 -10.32 4.26
N ARG A 48 22.46 -9.66 3.12
CA ARG A 48 23.16 -8.38 3.02
C ARG A 48 22.51 -7.34 3.92
N CYS A 49 21.18 -7.34 3.95
CA CYS A 49 20.42 -6.38 4.75
C CYS A 49 20.70 -6.54 6.24
N THR A 50 20.69 -7.78 6.73
CA THR A 50 20.91 -8.03 8.15
C THR A 50 22.38 -8.00 8.56
N ARG A 51 23.29 -8.19 7.60
CA ARG A 51 24.71 -8.34 7.92
C ARG A 51 25.34 -7.08 8.50
N ASN A 52 25.97 -7.24 9.66
CA ASN A 52 26.62 -6.14 10.37
C ASN A 52 27.67 -5.44 9.51
N LYS A 53 27.52 -4.13 9.35
CA LYS A 53 28.42 -3.33 8.52
C LYS A 53 28.32 -3.69 7.05
N GLY A 54 27.19 -4.27 6.66
CA GLY A 54 26.98 -4.67 5.27
C GLY A 54 26.67 -3.48 4.37
N LEU A 55 26.16 -2.41 4.95
CA LEU A 55 25.72 -1.25 4.17
C LEU A 55 26.08 0.07 4.85
N PRO A 56 26.03 1.18 4.10
CA PRO A 56 26.31 2.53 4.64
C PRO A 56 25.26 3.02 5.63
N PHE A 57 24.14 2.32 5.72
CA PHE A 57 23.08 2.67 6.66
C PHE A 57 22.55 1.42 7.33
N THR A 58 21.80 1.59 8.41
CA THR A 58 21.10 0.46 9.02
C THR A 58 19.91 0.10 8.13
N CYS A 59 19.99 -1.08 7.52
CA CYS A 59 18.97 -1.55 6.58
C CYS A 59 17.77 -2.12 7.32
N LYS A 60 16.60 -1.53 7.09
CA LYS A 60 15.37 -1.96 7.76
C LYS A 60 14.48 -2.77 6.82
N ALA A 61 14.74 -2.65 5.52
CA ALA A 61 13.88 -3.28 4.52
C ALA A 61 14.57 -3.31 3.15
N PHE A 62 14.06 -4.15 2.27
CA PHE A 62 14.56 -4.19 0.90
C PHE A 62 13.46 -4.62 -0.05
N VAL A 63 13.63 -4.27 -1.32
CA VAL A 63 12.75 -4.78 -2.36
C VAL A 63 13.57 -5.71 -3.23
N PHE A 64 12.98 -6.85 -3.59
CA PHE A 64 13.59 -7.70 -4.59
C PHE A 64 12.91 -7.47 -5.93
N ASP A 65 13.69 -6.95 -6.89
CA ASP A 65 13.20 -6.73 -8.24
C ASP A 65 13.33 -8.05 -8.99
N LYS A 66 12.22 -8.73 -9.18
CA LYS A 66 12.23 -10.03 -9.83
C LYS A 66 12.56 -9.94 -11.32
N ALA A 67 12.21 -8.81 -11.93
CA ALA A 67 12.47 -8.59 -13.34
C ALA A 67 13.96 -8.40 -13.63
N ARG A 68 14.54 -7.38 -12.99
CA ARG A 68 15.94 -7.05 -13.23
CA ARG A 68 15.95 -7.03 -13.20
C ARG A 68 16.88 -7.85 -12.33
N LYS A 69 16.31 -8.66 -11.45
CA LYS A 69 17.10 -9.43 -10.49
CA LYS A 69 17.10 -9.43 -10.49
C LYS A 69 18.07 -8.53 -9.73
N GLN A 70 17.52 -7.65 -8.90
CA GLN A 70 18.34 -6.74 -8.11
C GLN A 70 17.75 -6.47 -6.72
N CYS A 71 18.64 -6.17 -5.77
CA CYS A 71 18.19 -5.75 -4.45
C CYS A 71 18.14 -4.24 -4.37
N LEU A 72 17.09 -3.73 -3.74
CA LEU A 72 17.01 -2.32 -3.40
C LEU A 72 16.92 -2.24 -1.88
N TRP A 73 18.01 -1.84 -1.24
CA TRP A 73 18.07 -1.81 0.23
C TRP A 73 17.73 -0.43 0.77
N PHE A 74 16.94 -0.40 1.84
CA PHE A 74 16.42 0.85 2.39
C PHE A 74 16.82 1.07 3.84
N PRO A 75 17.11 2.33 4.19
CA PRO A 75 17.29 2.72 5.60
C PRO A 75 15.93 2.95 6.27
N PHE A 76 14.85 2.72 5.53
CA PHE A 76 13.49 2.94 6.01
C PHE A 76 12.63 1.72 5.76
N ASN A 77 11.45 1.69 6.37
CA ASN A 77 10.48 0.65 6.07
C ASN A 77 9.15 1.31 5.74
N SER A 78 8.10 0.50 5.58
CA SER A 78 6.81 1.05 5.16
C SER A 78 6.16 1.91 6.25
N MET A 79 6.70 1.85 7.47
CA MET A 79 6.17 2.60 8.61
CA MET A 79 6.11 2.62 8.56
C MET A 79 6.69 4.02 8.70
N SER A 80 7.75 4.31 7.94
CA SER A 80 8.28 5.67 7.89
CA SER A 80 8.29 5.66 7.91
C SER A 80 7.27 6.63 7.29
N SER A 81 7.11 7.80 7.89
CA SER A 81 6.16 8.79 7.37
C SER A 81 6.60 9.35 6.01
N GLY A 82 7.85 9.11 5.64
CA GLY A 82 8.39 9.63 4.40
C GLY A 82 8.24 8.72 3.19
N VAL A 83 7.57 7.59 3.37
CA VAL A 83 7.33 6.69 2.25
C VAL A 83 5.94 6.08 2.32
N LYS A 84 5.52 5.47 1.22
CA LYS A 84 4.22 4.82 1.16
C LYS A 84 4.31 3.59 0.27
N LYS A 85 3.48 2.59 0.56
CA LYS A 85 3.44 1.38 -0.25
C LYS A 85 2.72 1.64 -1.56
N GLU A 86 3.21 1.01 -2.63
CA GLU A 86 2.49 1.06 -3.89
C GLU A 86 2.61 -0.28 -4.61
N PHE A 87 1.58 -0.59 -5.40
CA PHE A 87 1.58 -1.82 -6.19
C PHE A 87 2.65 -1.77 -7.28
N GLY A 88 3.25 -2.93 -7.53
CA GLY A 88 4.28 -3.07 -8.56
C GLY A 88 4.49 -4.55 -8.81
N HIS A 89 4.13 -5.01 -10.00
CA HIS A 89 4.07 -6.44 -10.26
C HIS A 89 5.40 -7.19 -10.10
N GLU A 90 6.50 -6.54 -10.45
CA GLU A 90 7.80 -7.21 -10.42
C GLU A 90 8.56 -7.00 -9.11
N PHE A 91 7.94 -6.34 -8.15
CA PHE A 91 8.60 -6.04 -6.88
C PHE A 91 8.02 -6.81 -5.71
N ASP A 92 8.88 -7.35 -4.86
CA ASP A 92 8.47 -7.90 -3.57
C ASP A 92 9.13 -7.10 -2.46
N LEU A 93 8.34 -6.61 -1.52
CA LEU A 93 8.87 -5.85 -0.40
C LEU A 93 9.14 -6.76 0.78
N TYR A 94 10.31 -6.61 1.40
CA TYR A 94 10.64 -7.34 2.63
C TYR A 94 11.05 -6.38 3.73
N GLU A 95 10.36 -6.46 4.86
CA GLU A 95 10.66 -5.58 5.99
C GLU A 95 11.11 -6.39 7.19
N ASN A 96 12.24 -6.03 7.76
CA ASN A 96 12.73 -6.73 8.94
C ASN A 96 11.75 -6.55 10.09
N LYS A 97 11.26 -7.67 10.61
CA LYS A 97 10.22 -7.65 11.63
C LYS A 97 10.61 -6.90 12.90
N ASP A 98 11.91 -6.85 13.19
CA ASP A 98 12.35 -6.21 14.43
C ASP A 98 11.88 -4.76 14.53
N TYR A 99 11.80 -4.08 13.40
CA TYR A 99 11.46 -2.66 13.39
C TYR A 99 9.95 -2.42 13.37
N ILE A 100 9.19 -3.44 12.95
CA ILE A 100 7.76 -3.27 12.78
C ILE A 100 6.93 -4.06 13.80
N ARG A 101 7.55 -4.99 14.50
CA ARG A 101 6.83 -5.79 15.49
CA ARG A 101 6.86 -5.79 15.52
C ARG A 101 6.15 -4.90 16.52
N ASN A 102 4.90 -5.23 16.84
CA ASN A 102 4.11 -4.44 17.79
C ASN A 102 4.15 -5.02 19.20
N CYS A 103 5.08 -5.93 19.45
CA CYS A 103 5.15 -6.65 20.71
C CYS A 103 6.54 -7.20 20.92
N ILE A 104 6.83 -7.67 22.13
CA ILE A 104 8.16 -8.23 22.39
C ILE A 104 8.09 -9.71 22.74
N ILE A 105 9.18 -10.41 22.47
CA ILE A 105 9.37 -11.77 22.96
C ILE A 105 10.31 -11.72 24.17
N GLY A 106 9.78 -12.07 25.34
CA GLY A 106 10.58 -12.12 26.54
C GLY A 106 11.05 -10.76 27.03
N LYS A 107 12.36 -10.58 27.05
CA LYS A 107 12.95 -9.34 27.56
C LYS A 107 13.01 -8.25 26.50
N GLY A 108 12.67 -8.59 25.27
CA GLY A 108 12.61 -7.63 24.19
C GLY A 108 13.99 -7.19 23.72
N ARG A 109 14.97 -8.08 23.86
CA ARG A 109 16.33 -7.81 23.39
C ARG A 109 16.33 -7.31 21.95
N SER A 110 15.47 -7.90 21.12
CA SER A 110 15.45 -7.60 19.69
CA SER A 110 15.46 -7.59 19.70
C SER A 110 14.42 -6.53 19.32
N TYR A 111 13.78 -5.93 20.32
CA TYR A 111 12.79 -4.90 20.02
C TYR A 111 13.43 -3.67 19.40
N LYS A 112 12.98 -3.31 18.21
CA LYS A 112 13.47 -2.12 17.53
C LYS A 112 12.31 -1.31 16.97
N GLY A 113 11.18 -1.35 17.67
CA GLY A 113 9.97 -0.65 17.28
C GLY A 113 10.02 0.85 17.52
N THR A 114 8.88 1.50 17.37
N THR A 114 8.89 1.52 17.37
CA THR A 114 8.80 2.96 17.43
CA THR A 114 8.87 2.98 17.47
C THR A 114 8.03 3.50 18.64
C THR A 114 8.18 3.52 18.71
N VAL A 115 7.77 2.64 19.61
CA VAL A 115 7.16 3.09 20.86
C VAL A 115 8.16 3.97 21.59
N SER A 116 7.71 5.13 22.05
CA SER A 116 8.62 6.12 22.63
C SER A 116 8.02 6.85 23.82
N ILE A 117 7.16 6.16 24.56
CA ILE A 117 6.67 6.66 25.84
C ILE A 117 6.84 5.55 26.88
N THR A 118 6.95 5.96 28.14
CA THR A 118 7.12 5.00 29.23
C THR A 118 5.77 4.45 29.68
N LYS A 119 5.81 3.50 30.60
CA LYS A 119 4.59 2.90 31.13
CA LYS A 119 4.60 2.91 31.17
C LYS A 119 3.71 3.97 31.80
N SER A 120 4.33 5.07 32.24
CA SER A 120 3.61 6.17 32.86
C SER A 120 3.31 7.26 31.84
N ASP A 121 3.45 6.92 30.56
CA ASP A 121 3.12 7.84 29.46
C ASP A 121 4.03 9.07 29.41
N ILE A 122 5.25 8.92 29.91
CA ILE A 122 6.23 10.00 29.79
C ILE A 122 6.95 9.84 28.46
N LYS A 123 7.05 10.93 27.69
CA LYS A 123 7.76 10.88 26.42
C LYS A 123 9.24 10.59 26.69
N CYS A 124 9.81 9.67 25.93
CA CYS A 124 11.21 9.29 26.14
C CYS A 124 12.16 10.39 25.71
N GLN A 125 13.30 10.45 26.37
CA GLN A 125 14.40 11.32 25.98
C GLN A 125 15.18 10.66 24.85
N PRO A 126 15.66 11.44 23.88
CA PRO A 126 16.44 10.83 22.80
C PRO A 126 17.75 10.27 23.33
N TRP A 127 18.13 9.09 22.86
CA TRP A 127 19.36 8.44 23.28
C TRP A 127 20.60 9.29 23.07
N SER A 128 20.61 10.08 22.00
CA SER A 128 21.76 10.92 21.64
CA SER A 128 21.80 10.88 21.69
C SER A 128 21.85 12.17 22.49
N SER A 129 20.79 12.46 23.25
CA SER A 129 20.76 13.66 24.08
C SER A 129 21.23 13.37 25.51
N MET A 130 21.88 14.34 26.13
CA MET A 130 22.33 14.23 27.52
C MET A 130 21.40 15.02 28.43
N ILE A 131 20.35 15.59 27.86
CA ILE A 131 19.40 16.44 28.57
C ILE A 131 18.00 15.86 28.41
N PRO A 132 17.23 15.77 29.51
CA PRO A 132 17.56 16.22 30.87
C PRO A 132 18.43 15.25 31.67
N HIS A 133 18.63 14.02 31.17
CA HIS A 133 19.43 13.05 31.92
C HIS A 133 20.73 12.66 31.20
N GLU A 134 21.86 12.98 31.82
CA GLU A 134 23.15 12.60 31.28
C GLU A 134 23.40 11.10 31.49
N HIS A 135 23.91 10.44 30.46
CA HIS A 135 24.08 8.99 30.50
C HIS A 135 25.18 8.54 29.53
N SER A 136 25.48 7.24 29.55
CA SER A 136 26.54 6.71 28.70
C SER A 136 26.02 5.72 27.66
N PHE A 137 24.72 5.78 27.37
CA PHE A 137 24.13 4.91 26.36
C PHE A 137 24.11 5.59 25.00
N LEU A 138 25.28 5.97 24.51
CA LEU A 138 25.39 6.55 23.18
C LEU A 138 25.31 5.45 22.13
N PRO A 139 24.66 5.75 20.99
CA PRO A 139 24.44 4.80 19.90
C PRO A 139 25.74 4.16 19.44
N SER A 140 26.83 4.94 19.49
CA SER A 140 28.15 4.44 19.10
C SER A 140 28.64 3.34 20.02
N SER A 141 28.40 3.49 21.32
CA SER A 141 28.80 2.49 22.29
C SER A 141 27.93 1.24 22.20
N TYR A 142 26.81 1.34 21.50
CA TYR A 142 25.88 0.23 21.37
C TYR A 142 25.44 0.00 19.94
N ARG A 143 26.36 -0.52 19.13
CA ARG A 143 26.06 -0.83 17.74
C ARG A 143 25.15 -2.04 17.62
N GLY A 144 24.13 -1.93 16.78
CA GLY A 144 23.19 -3.02 16.57
C GLY A 144 22.04 -3.02 17.56
N LYS A 145 22.10 -2.11 18.53
CA LYS A 145 21.03 -1.98 19.52
C LYS A 145 20.02 -0.94 19.07
N ASP A 146 20.37 -0.25 17.99
CA ASP A 146 19.47 0.73 17.37
C ASP A 146 18.95 1.75 18.36
N LEU A 147 19.86 2.34 19.13
CA LEU A 147 19.48 3.43 20.03
C LEU A 147 19.22 4.68 19.22
N GLN A 148 18.19 4.63 18.38
CA GLN A 148 17.86 5.77 17.55
CA GLN A 148 17.79 5.72 17.50
C GLN A 148 16.70 6.56 18.14
N GLU A 149 16.64 7.84 17.78
CA GLU A 149 15.58 8.74 18.22
C GLU A 149 15.37 8.58 19.72
N ASN A 150 14.12 8.51 20.14
CA ASN A 150 13.78 8.29 21.54
C ASN A 150 12.96 7.02 21.76
N TYR A 151 13.33 5.96 21.05
CA TYR A 151 12.56 4.72 21.07
C TYR A 151 12.94 3.86 22.27
N CYS A 152 11.92 3.23 22.86
CA CYS A 152 12.14 2.28 23.94
C CYS A 152 13.05 1.16 23.48
N ARG A 153 14.07 0.86 24.26
CA ARG A 153 15.04 -0.17 23.90
C ARG A 153 15.52 -0.95 25.12
N ASN A 154 16.06 -2.14 24.88
CA ASN A 154 16.66 -2.94 25.94
C ASN A 154 18.05 -3.39 25.54
N PRO A 155 18.99 -2.44 25.43
CA PRO A 155 20.30 -2.68 24.82
C PRO A 155 21.12 -3.70 25.60
N ARG A 156 20.86 -3.83 26.89
CA ARG A 156 21.65 -4.76 27.71
C ARG A 156 20.86 -6.01 28.07
N GLY A 157 19.71 -6.19 27.43
CA GLY A 157 18.90 -7.39 27.63
C GLY A 157 18.55 -7.64 29.07
N GLU A 158 18.07 -6.61 29.76
CA GLU A 158 17.75 -6.70 31.18
C GLU A 158 16.29 -7.12 31.44
N GLU A 159 16.02 -7.52 32.68
CA GLU A 159 14.78 -8.21 33.03
C GLU A 159 13.47 -7.48 32.70
N GLY A 160 13.43 -6.17 32.95
CA GLY A 160 12.19 -5.43 32.82
C GLY A 160 11.72 -5.15 31.40
N GLY A 161 12.56 -5.46 30.41
CA GLY A 161 12.20 -5.20 29.02
C GLY A 161 12.62 -3.81 28.57
N PRO A 162 12.19 -3.41 27.37
CA PRO A 162 12.60 -2.11 26.82
C PRO A 162 12.25 -0.94 27.73
N TRP A 163 13.12 0.05 27.75
CA TRP A 163 12.97 1.21 28.62
C TRP A 163 13.56 2.41 27.92
N CYS A 164 13.52 3.56 28.59
CA CYS A 164 14.16 4.75 28.06
C CYS A 164 14.40 5.74 29.17
N PHE A 165 15.37 6.62 28.98
CA PHE A 165 15.47 7.81 29.81
C PHE A 165 14.27 8.68 29.47
N THR A 166 13.69 9.34 30.46
CA THR A 166 12.46 10.09 30.23
C THR A 166 12.71 11.59 30.10
N SER A 167 11.86 12.26 29.31
CA SER A 167 11.96 13.70 29.12
C SER A 167 11.60 14.47 30.39
N ASN A 168 11.10 13.75 31.39
CA ASN A 168 10.82 14.31 32.70
C ASN A 168 12.09 14.37 33.57
N PRO A 169 12.49 15.58 33.99
CA PRO A 169 13.72 15.78 34.77
C PRO A 169 13.71 15.05 36.11
N GLU A 170 12.53 14.70 36.62
CA GLU A 170 12.41 14.08 37.93
C GLU A 170 12.42 12.55 37.84
N VAL A 171 12.31 12.04 36.61
CA VAL A 171 12.31 10.59 36.38
C VAL A 171 13.41 10.23 35.38
N ARG A 172 14.51 9.68 35.89
CA ARG A 172 15.65 9.41 35.05
C ARG A 172 15.31 8.44 33.93
N TYR A 173 14.78 7.28 34.30
CA TYR A 173 14.38 6.28 33.33
C TYR A 173 13.15 5.53 33.81
N GLU A 174 12.47 4.87 32.88
CA GLU A 174 11.36 4.01 33.23
C GLU A 174 11.16 2.97 32.13
N VAL A 175 10.68 1.79 32.50
CA VAL A 175 10.34 0.79 31.50
C VAL A 175 9.16 1.27 30.70
N CYS A 176 9.05 0.80 29.47
CA CYS A 176 7.91 1.13 28.64
C CYS A 176 6.87 0.02 28.78
N ASP A 177 5.68 0.24 28.22
CA ASP A 177 4.61 -0.73 28.37
C ASP A 177 4.31 -1.39 27.04
N ILE A 178 5.17 -2.34 26.65
N ILE A 178 5.21 -2.29 26.63
CA ILE A 178 5.00 -3.03 25.39
CA ILE A 178 4.98 -3.04 25.41
C ILE A 178 4.66 -4.50 25.64
C ILE A 178 4.61 -4.48 25.73
N PRO A 179 3.49 -4.94 25.17
CA PRO A 179 2.97 -6.28 25.46
C PRO A 179 3.82 -7.40 24.85
N GLN A 180 3.79 -8.55 25.51
CA GLN A 180 4.38 -9.76 24.96
C GLN A 180 3.60 -10.14 23.72
N CYS A 181 4.29 -10.65 22.70
CA CYS A 181 3.60 -11.13 21.52
C CYS A 181 2.62 -12.23 21.89
N SER A 182 2.91 -12.92 23.00
CA SER A 182 2.07 -14.02 23.45
C SER A 182 0.72 -13.55 23.96
N GLU A 183 0.61 -12.27 24.30
CA GLU A 183 -0.65 -11.69 24.79
CA GLU A 183 -0.66 -11.73 24.78
C GLU A 183 -1.40 -10.94 23.69
N VAL A 184 -0.69 -10.56 22.63
CA VAL A 184 -1.30 -9.85 21.52
C VAL A 184 -1.98 -10.82 20.55
N GLU A 185 -1.37 -11.99 20.36
CA GLU A 185 -1.87 -12.98 19.43
C GLU A 185 -2.89 -13.89 20.12
N CYS A 186 -3.96 -14.21 19.39
CA CYS A 186 -4.95 -15.15 19.90
C CYS A 186 -5.66 -15.84 18.75
N MET A 187 -6.30 -16.97 19.04
CA MET A 187 -7.00 -17.71 18.00
C MET A 187 -8.33 -18.25 18.51
N THR A 188 -9.18 -18.64 17.58
CA THR A 188 -10.47 -19.23 17.91
C THR A 188 -10.45 -20.72 17.58
N SER A 189 -11.14 -21.50 18.40
CA SER A 189 -11.12 -22.98 18.34
C SER A 189 -9.71 -23.53 18.09
N ASN A 190 -9.55 -24.27 17.00
CA ASN A 190 -8.27 -24.93 16.73
C ASN A 190 -7.31 -24.06 15.90
N GLY A 191 -7.73 -22.84 15.60
CA GLY A 191 -6.90 -21.89 14.87
C GLY A 191 -6.81 -22.12 13.37
N GLU A 192 -7.75 -22.89 12.82
CA GLU A 192 -7.78 -23.05 11.38
C GLU A 192 -7.93 -21.67 10.74
N SER A 193 -8.58 -20.76 11.47
CA SER A 193 -8.82 -19.41 10.93
C SER A 193 -7.73 -18.42 11.33
N TYR A 194 -6.76 -18.88 12.12
CA TYR A 194 -5.69 -18.03 12.61
C TYR A 194 -4.85 -17.47 11.46
N ARG A 195 -4.75 -16.15 11.41
CA ARG A 195 -3.94 -15.48 10.38
C ARG A 195 -3.05 -14.43 11.04
N GLY A 196 -2.70 -14.69 12.31
CA GLY A 196 -1.90 -13.78 13.10
C GLY A 196 -0.41 -13.90 12.83
N LEU A 197 0.39 -13.27 13.68
CA LEU A 197 1.81 -13.10 13.39
C LEU A 197 2.75 -13.93 14.29
N MET A 198 2.22 -14.91 15.01
CA MET A 198 3.07 -15.82 15.78
C MET A 198 4.01 -16.55 14.81
N ASP A 199 5.31 -16.44 15.05
CA ASP A 199 6.32 -16.98 14.13
C ASP A 199 7.42 -17.78 14.82
N HIS A 200 7.14 -18.21 16.05
N HIS A 200 7.15 -18.23 16.03
CA HIS A 200 8.02 -19.10 16.79
CA HIS A 200 8.05 -19.17 16.68
C HIS A 200 7.19 -20.27 17.29
C HIS A 200 7.23 -20.25 17.38
N THR A 201 7.83 -21.41 17.55
CA THR A 201 7.12 -22.56 18.14
C THR A 201 6.93 -22.40 19.64
N GLU A 202 6.15 -23.30 20.23
CA GLU A 202 5.85 -23.23 21.67
C GLU A 202 7.09 -23.46 22.53
N SER A 203 8.17 -23.91 21.91
CA SER A 203 9.44 -24.07 22.63
C SER A 203 10.43 -22.98 22.24
N GLY A 204 9.98 -22.07 21.38
CA GLY A 204 10.76 -20.89 21.04
C GLY A 204 11.62 -21.03 19.81
N LYS A 205 11.48 -22.13 19.08
CA LYS A 205 12.22 -22.30 17.84
C LYS A 205 11.68 -21.36 16.77
N ILE A 206 12.57 -20.89 15.89
CA ILE A 206 12.14 -20.01 14.81
C ILE A 206 11.49 -20.81 13.69
N CYS A 207 10.37 -20.31 13.16
CA CYS A 207 9.68 -20.98 12.07
C CYS A 207 10.38 -20.78 10.74
N GLN A 208 10.35 -21.81 9.91
CA GLN A 208 10.77 -21.71 8.52
C GLN A 208 9.68 -21.05 7.66
N ARG A 209 10.10 -20.22 6.70
CA ARG A 209 9.13 -19.64 5.76
C ARG A 209 8.42 -20.72 4.95
N TRP A 210 7.11 -20.57 4.79
CA TRP A 210 6.35 -21.50 3.97
C TRP A 210 6.84 -21.51 2.52
N ASP A 211 7.26 -20.35 2.03
CA ASP A 211 7.74 -20.24 0.64
C ASP A 211 9.15 -20.77 0.47
N HIS A 212 9.68 -21.41 1.51
CA HIS A 212 10.98 -22.08 1.42
C HIS A 212 10.87 -23.60 1.55
N GLN A 213 11.81 -24.30 0.92
CA GLN A 213 11.82 -25.76 0.93
C GLN A 213 13.06 -26.26 1.66
N THR A 214 13.68 -25.36 2.41
CA THR A 214 14.88 -25.68 3.17
C THR A 214 14.80 -24.97 4.52
N PRO A 215 15.25 -25.64 5.60
CA PRO A 215 15.86 -26.98 5.60
C PRO A 215 14.87 -28.13 5.40
N HIS A 216 13.57 -27.86 5.46
CA HIS A 216 12.58 -28.93 5.31
C HIS A 216 11.76 -28.82 4.04
N ARG A 217 11.73 -29.91 3.27
CA ARG A 217 10.90 -29.97 2.08
C ARG A 217 9.47 -30.26 2.49
N HIS A 218 8.50 -29.63 1.83
CA HIS A 218 7.11 -29.79 2.20
C HIS A 218 6.16 -29.49 1.05
N LYS A 219 4.91 -29.93 1.19
CA LYS A 219 3.93 -29.84 0.12
C LYS A 219 3.13 -28.54 0.16
N PHE A 220 3.22 -27.82 1.26
CA PHE A 220 2.38 -26.63 1.45
C PHE A 220 2.92 -25.38 0.73
N LEU A 221 3.05 -25.48 -0.59
CA LEU A 221 3.43 -24.33 -1.40
C LEU A 221 2.32 -23.28 -1.35
N PRO A 222 2.68 -22.05 -0.93
CA PRO A 222 1.68 -20.99 -0.83
C PRO A 222 0.83 -20.86 -2.10
N GLU A 223 1.45 -21.00 -3.27
CA GLU A 223 0.71 -20.87 -4.53
C GLU A 223 -0.35 -21.95 -4.69
N ARG A 224 -0.10 -23.13 -4.12
CA ARG A 224 -1.02 -24.26 -4.21
C ARG A 224 -2.16 -24.15 -3.19
N TYR A 225 -1.91 -23.42 -2.11
CA TYR A 225 -2.90 -23.25 -1.06
C TYR A 225 -3.15 -21.79 -0.75
N PRO A 226 -3.69 -21.04 -1.74
CA PRO A 226 -3.82 -19.59 -1.61
C PRO A 226 -4.76 -19.15 -0.49
N ASP A 227 -5.50 -20.10 0.08
CA ASP A 227 -6.52 -19.85 1.10
CA ASP A 227 -6.45 -19.72 1.12
C ASP A 227 -6.03 -20.14 2.52
N LYS A 228 -4.81 -20.63 2.65
CA LYS A 228 -4.30 -21.13 3.93
C LYS A 228 -3.52 -20.10 4.75
N GLY A 229 -3.20 -18.96 4.12
CA GLY A 229 -2.45 -17.92 4.81
C GLY A 229 -0.98 -18.26 5.03
N PHE A 230 -0.39 -18.95 4.07
CA PHE A 230 1.01 -19.34 4.15
C PHE A 230 1.91 -18.15 3.82
N ASP A 231 1.87 -17.15 4.68
CA ASP A 231 2.68 -15.95 4.53
C ASP A 231 3.89 -16.00 5.46
N ASP A 232 5.03 -15.52 4.98
CA ASP A 232 6.26 -15.49 5.77
C ASP A 232 6.43 -16.82 6.50
N ASN A 233 6.68 -16.78 7.80
CA ASN A 233 6.86 -18.00 8.60
C ASN A 233 5.90 -18.10 9.78
N TYR A 234 4.66 -17.67 9.55
CA TYR A 234 3.67 -17.64 10.63
C TYR A 234 3.08 -19.02 10.90
N CYS A 235 2.87 -19.32 12.17
CA CYS A 235 2.21 -20.55 12.56
C CYS A 235 0.83 -20.62 11.92
N ARG A 236 0.52 -21.75 11.32
CA ARG A 236 -0.78 -21.94 10.68
C ARG A 236 -1.28 -23.36 10.95
N ASN A 237 -2.60 -23.54 10.82
CA ASN A 237 -3.19 -24.86 11.00
C ASN A 237 -3.98 -25.26 9.75
N PRO A 238 -3.27 -25.64 8.69
CA PRO A 238 -3.89 -25.96 7.40
C PRO A 238 -4.46 -27.38 7.36
N ASP A 239 -4.02 -28.23 8.30
CA ASP A 239 -4.34 -29.65 8.22
C ASP A 239 -5.01 -30.24 9.46
N GLY A 240 -5.97 -29.51 10.02
CA GLY A 240 -6.86 -30.07 11.04
C GLY A 240 -6.22 -30.50 12.34
N GLN A 241 -5.21 -29.76 12.78
CA GLN A 241 -4.55 -30.02 14.05
C GLN A 241 -5.29 -29.38 15.21
N PRO A 242 -4.88 -29.70 16.44
CA PRO A 242 -5.45 -29.04 17.62
C PRO A 242 -5.06 -27.56 17.69
N ARG A 243 -3.95 -27.19 17.06
CA ARG A 243 -3.49 -25.81 17.04
C ARG A 243 -2.47 -25.59 15.93
N PRO A 244 -2.25 -24.32 15.56
CA PRO A 244 -1.27 -23.97 14.53
C PRO A 244 0.14 -24.50 14.85
N TRP A 245 0.92 -24.65 13.80
CA TRP A 245 2.27 -25.21 13.90
C TRP A 245 3.09 -24.61 12.77
N CYS A 246 4.37 -24.95 12.72
CA CYS A 246 5.21 -24.53 11.62
C CYS A 246 6.41 -25.46 11.46
N TYR A 247 6.93 -25.56 10.25
CA TYR A 247 8.23 -26.19 10.07
C TYR A 247 9.24 -25.28 10.75
N THR A 248 10.29 -25.85 11.33
CA THR A 248 11.24 -25.03 12.07
C THR A 248 12.60 -24.97 11.37
N LEU A 249 13.38 -23.95 11.71
CA LEU A 249 14.71 -23.79 11.13
C LEU A 249 15.71 -24.77 11.73
N ASP A 250 15.29 -25.51 12.74
CA ASP A 250 16.11 -26.59 13.30
C ASP A 250 16.03 -27.80 12.38
N PRO A 251 17.15 -28.14 11.73
CA PRO A 251 17.17 -29.29 10.81
C PRO A 251 16.70 -30.58 11.48
N HIS A 252 16.83 -30.66 12.80
CA HIS A 252 16.48 -31.87 13.55
C HIS A 252 15.05 -31.84 14.08
N THR A 253 14.34 -30.73 13.85
CA THR A 253 12.94 -30.63 14.22
C THR A 253 12.14 -30.17 13.01
N ARG A 254 11.57 -31.13 12.29
CA ARG A 254 10.86 -30.84 11.05
C ARG A 254 9.74 -29.83 11.27
N TRP A 255 8.90 -30.09 12.26
CA TRP A 255 7.80 -29.18 12.58
C TRP A 255 7.44 -29.26 14.07
N GLU A 256 6.85 -28.19 14.59
CA GLU A 256 6.48 -28.14 15.99
C GLU A 256 5.24 -27.27 16.14
N TYR A 257 4.39 -27.60 17.10
CA TYR A 257 3.21 -26.78 17.37
C TYR A 257 3.65 -25.46 17.96
N CYS A 258 2.82 -24.44 17.78
CA CYS A 258 3.08 -23.13 18.34
C CYS A 258 2.23 -22.91 19.57
N LYS A 259 2.55 -21.86 20.33
CA LYS A 259 1.77 -21.50 21.51
C LYS A 259 0.99 -20.23 21.20
N ILE A 260 -0.32 -20.36 21.15
CA ILE A 260 -1.21 -19.25 20.85
C ILE A 260 -2.43 -19.40 21.74
N LYS A 261 -2.76 -18.36 22.49
CA LYS A 261 -3.89 -18.44 23.41
C LYS A 261 -5.21 -18.34 22.67
N THR A 262 -6.27 -18.87 23.28
CA THR A 262 -7.62 -18.74 22.74
C THR A 262 -8.09 -17.31 22.97
N CYS A 263 -8.73 -16.73 21.97
CA CYS A 263 -9.22 -15.35 22.08
C CYS A 263 -10.22 -15.21 23.22
N LYS A 264 -10.21 -14.07 23.88
CA LYS A 264 -11.10 -13.81 25.01
C LYS A 264 -12.55 -13.68 24.56
N LYS B 9 -34.37 8.55 -8.83
CA LYS B 9 -33.86 8.22 -10.15
C LYS B 9 -32.66 7.27 -10.05
N ARG B 10 -32.34 6.61 -11.16
CA ARG B 10 -31.30 5.59 -11.18
C ARG B 10 -29.89 6.16 -11.29
N ARG B 11 -28.90 5.41 -10.83
CA ARG B 11 -27.51 5.83 -10.93
C ARG B 11 -26.57 4.65 -11.26
N ASN B 12 -25.75 4.26 -10.29
CA ASN B 12 -24.75 3.20 -10.50
C ASN B 12 -23.44 3.72 -11.13
N THR B 13 -22.57 4.25 -10.28
CA THR B 13 -21.34 4.89 -10.74
C THR B 13 -20.10 4.18 -10.21
N ILE B 14 -20.29 3.02 -9.57
CA ILE B 14 -19.16 2.30 -9.00
C ILE B 14 -18.16 1.91 -10.08
N HIS B 15 -18.62 1.85 -11.32
CA HIS B 15 -17.79 1.52 -12.47
CA HIS B 15 -17.74 1.48 -12.41
C HIS B 15 -16.74 2.61 -12.70
N GLU B 16 -16.97 3.77 -12.12
CA GLU B 16 -16.06 4.89 -12.25
C GLU B 16 -14.85 4.78 -11.33
N PHE B 17 -14.81 3.73 -10.51
CA PHE B 17 -13.81 3.63 -9.44
C PHE B 17 -12.82 2.49 -9.65
N LYS B 18 -11.60 2.72 -9.17
CA LYS B 18 -10.59 1.67 -9.11
C LYS B 18 -10.58 1.06 -7.72
N LYS B 19 -10.79 -0.25 -7.63
CA LYS B 19 -10.85 -0.92 -6.34
C LYS B 19 -9.50 -1.51 -5.94
N SER B 20 -9.13 -1.31 -4.68
CA SER B 20 -7.98 -1.97 -4.10
C SER B 20 -8.50 -2.81 -2.94
N ALA B 21 -8.61 -4.12 -3.15
CA ALA B 21 -9.17 -5.01 -2.14
C ALA B 21 -8.30 -5.08 -0.89
N LYS B 22 -8.94 -5.29 0.26
CA LYS B 22 -8.22 -5.43 1.53
C LYS B 22 -7.23 -4.30 1.74
N THR B 23 -7.69 -3.08 1.46
CA THR B 23 -6.84 -1.91 1.53
C THR B 23 -7.61 -0.75 2.12
N THR B 24 -6.93 0.03 2.95
CA THR B 24 -7.49 1.26 3.44
C THR B 24 -6.45 2.34 3.28
N LEU B 25 -6.78 3.56 3.69
CA LEU B 25 -5.84 4.67 3.63
C LEU B 25 -5.59 5.18 5.03
N ILE B 26 -4.32 5.38 5.35
CA ILE B 26 -3.91 5.86 6.65
C ILE B 26 -3.46 7.32 6.54
N LYS B 27 -3.86 8.13 7.51
CA LYS B 27 -3.45 9.52 7.51
C LYS B 27 -1.98 9.72 7.88
N ILE B 28 -1.27 10.49 7.07
CA ILE B 28 0.02 11.05 7.47
C ILE B 28 -0.21 12.50 7.91
N ASP B 29 -0.90 13.25 7.06
CA ASP B 29 -1.30 14.62 7.37
C ASP B 29 -2.41 14.55 8.40
N PRO B 30 -2.18 15.09 9.60
CA PRO B 30 -3.16 14.99 10.69
C PRO B 30 -4.43 15.81 10.47
N ALA B 31 -4.41 16.74 9.52
CA ALA B 31 -5.55 17.63 9.28
C ALA B 31 -6.71 16.98 8.55
N LEU B 32 -6.46 15.85 7.88
CA LEU B 32 -7.45 15.31 6.95
C LEU B 32 -8.73 14.81 7.62
N LYS B 33 -9.87 15.20 7.03
CA LYS B 33 -11.19 14.84 7.56
C LYS B 33 -11.87 13.80 6.68
N ILE B 34 -12.70 12.97 7.30
CA ILE B 34 -13.51 12.02 6.55
C ILE B 34 -14.96 12.07 7.03
N LYS B 35 -15.85 11.50 6.24
CA LYS B 35 -17.26 11.42 6.63
C LYS B 35 -17.67 9.96 6.52
N THR B 36 -18.50 9.50 7.45
CA THR B 36 -18.91 8.09 7.48
C THR B 36 -20.42 7.95 7.55
N LYS B 37 -20.92 6.78 7.16
CA LYS B 37 -22.34 6.47 7.28
C LYS B 37 -22.55 4.96 7.19
N LYS B 38 -23.59 4.48 7.87
CA LYS B 38 -23.97 3.07 7.80
C LYS B 38 -24.67 2.84 6.48
N VAL B 39 -24.09 1.98 5.66
CA VAL B 39 -24.61 1.72 4.32
C VAL B 39 -24.47 0.24 3.95
N ASN B 40 -25.44 -0.26 3.19
CA ASN B 40 -25.52 -1.68 2.88
C ASN B 40 -24.52 -2.19 1.82
N THR B 41 -24.21 -1.36 0.83
CA THR B 41 -23.34 -1.79 -0.27
C THR B 41 -22.33 -0.73 -0.70
N ALA B 42 -21.25 -1.19 -1.32
CA ALA B 42 -20.23 -0.29 -1.86
C ALA B 42 -20.81 0.56 -2.98
N ASP B 43 -21.78 0.01 -3.70
CA ASP B 43 -22.43 0.72 -4.78
C ASP B 43 -23.04 2.03 -4.28
N GLN B 44 -23.63 1.98 -3.09
CA GLN B 44 -24.23 3.16 -2.49
C GLN B 44 -23.13 4.17 -2.12
N CYS B 45 -22.04 3.69 -1.55
CA CYS B 45 -20.91 4.55 -1.25
C CYS B 45 -20.52 5.31 -2.50
N ALA B 46 -20.36 4.58 -3.60
CA ALA B 46 -19.95 5.17 -4.88
C ALA B 46 -20.91 6.27 -5.32
N ASN B 47 -22.19 5.94 -5.36
CA ASN B 47 -23.20 6.92 -5.79
C ASN B 47 -23.15 8.19 -4.95
N ARG B 48 -23.08 8.04 -3.63
CA ARG B 48 -23.00 9.20 -2.76
C ARG B 48 -21.71 9.98 -3.05
N CYS B 49 -20.64 9.26 -3.37
CA CYS B 49 -19.35 9.88 -3.62
C CYS B 49 -19.35 10.74 -4.88
N THR B 50 -19.93 10.24 -5.96
CA THR B 50 -19.92 10.95 -7.23
C THR B 50 -20.94 12.09 -7.28
N ARG B 51 -22.06 11.90 -6.60
CA ARG B 51 -23.08 12.94 -6.51
C ARG B 51 -22.63 13.99 -5.50
N ASN B 52 -22.31 15.19 -5.96
CA ASN B 52 -21.87 16.22 -5.02
C ASN B 52 -22.84 17.38 -4.78
N LYS B 53 -22.62 18.04 -3.64
CA LYS B 53 -23.68 18.61 -2.84
C LYS B 53 -24.24 17.40 -2.10
N GLY B 54 -23.61 16.25 -2.34
CA GLY B 54 -23.88 15.03 -1.60
C GLY B 54 -23.00 14.97 -0.38
N LEU B 55 -21.83 15.61 -0.48
CA LEU B 55 -20.89 15.68 0.64
C LEU B 55 -20.34 17.10 0.80
N PRO B 56 -19.86 17.44 2.01
CA PRO B 56 -19.29 18.76 2.31
C PRO B 56 -17.99 19.03 1.56
N PHE B 57 -17.40 17.98 0.99
CA PHE B 57 -16.18 18.11 0.20
C PHE B 57 -16.32 17.37 -1.11
N THR B 58 -15.40 17.63 -2.04
CA THR B 58 -15.33 16.85 -3.26
C THR B 58 -14.72 15.49 -2.94
N CYS B 59 -15.55 14.45 -3.07
CA CYS B 59 -15.14 13.08 -2.75
C CYS B 59 -14.31 12.48 -3.89
N LYS B 60 -13.10 12.05 -3.58
CA LYS B 60 -12.21 11.47 -4.58
C LYS B 60 -12.09 9.96 -4.41
N ALA B 61 -12.49 9.47 -3.24
CA ALA B 61 -12.34 8.06 -2.92
C ALA B 61 -13.15 7.70 -1.70
N PHE B 62 -13.37 6.40 -1.50
CA PHE B 62 -14.05 5.94 -0.30
C PHE B 62 -13.58 4.53 0.04
N VAL B 63 -13.72 4.16 1.30
CA VAL B 63 -13.48 2.78 1.70
C VAL B 63 -14.83 2.18 2.07
N PHE B 64 -15.04 0.94 1.64
CA PHE B 64 -16.21 0.21 2.11
C PHE B 64 -15.79 -0.76 3.20
N ASP B 65 -16.32 -0.54 4.40
CA ASP B 65 -16.06 -1.39 5.55
C ASP B 65 -17.07 -2.53 5.52
N LYS B 66 -16.62 -3.69 5.10
CA LYS B 66 -17.51 -4.83 4.88
C LYS B 66 -18.01 -5.44 6.20
N ALA B 67 -17.23 -5.30 7.26
CA ALA B 67 -17.59 -5.84 8.56
C ALA B 67 -18.68 -5.00 9.23
N ARG B 68 -18.47 -3.69 9.30
CA ARG B 68 -19.41 -2.78 9.95
C ARG B 68 -20.45 -2.24 8.98
N LYS B 69 -20.30 -2.56 7.70
CA LYS B 69 -21.20 -2.07 6.67
C LYS B 69 -21.31 -0.55 6.68
N GLN B 70 -20.20 0.13 6.44
CA GLN B 70 -20.20 1.58 6.41
C GLN B 70 -19.31 2.14 5.30
N CYS B 71 -19.69 3.32 4.79
CA CYS B 71 -18.84 4.04 3.85
C CYS B 71 -17.96 5.00 4.63
N LEU B 72 -16.70 5.09 4.23
CA LEU B 72 -15.82 6.14 4.70
C LEU B 72 -15.43 6.97 3.48
N TRP B 73 -15.98 8.18 3.38
CA TRP B 73 -15.75 9.02 2.20
C TRP B 73 -14.60 9.99 2.42
N PHE B 74 -13.77 10.13 1.40
CA PHE B 74 -12.53 10.93 1.49
C PHE B 74 -12.49 12.08 0.49
N PRO B 75 -11.94 13.23 0.92
CA PRO B 75 -11.60 14.33 0.01
C PRO B 75 -10.22 14.12 -0.61
N PHE B 76 -9.63 12.96 -0.35
CA PHE B 76 -8.32 12.61 -0.86
C PHE B 76 -8.33 11.22 -1.47
N ASN B 77 -7.27 10.88 -2.19
CA ASN B 77 -7.10 9.52 -2.69
C ASN B 77 -5.72 9.02 -2.33
N SER B 78 -5.33 7.85 -2.84
CA SER B 78 -4.06 7.25 -2.44
C SER B 78 -2.85 8.04 -2.96
N MET B 79 -3.07 8.94 -3.92
CA MET B 79 -2.01 9.72 -4.53
CA MET B 79 -1.97 9.69 -4.50
C MET B 79 -1.67 10.98 -3.75
N SER B 80 -2.49 11.30 -2.74
CA SER B 80 -2.22 12.44 -1.88
C SER B 80 -0.96 12.18 -1.06
N SER B 81 -0.10 13.18 -0.93
CA SER B 81 1.12 13.01 -0.14
C SER B 81 0.81 12.88 1.35
N GLY B 82 -0.42 13.22 1.74
CA GLY B 82 -0.82 13.19 3.14
C GLY B 82 -1.40 11.86 3.61
N VAL B 83 -1.43 10.86 2.75
CA VAL B 83 -1.92 9.53 3.15
C VAL B 83 -1.10 8.43 2.52
N LYS B 84 -1.30 7.21 3.01
CA LYS B 84 -0.63 6.04 2.45
C LYS B 84 -1.54 4.81 2.54
N LYS B 85 -1.38 3.89 1.60
CA LYS B 85 -2.17 2.67 1.61
C LYS B 85 -1.68 1.73 2.70
N GLU B 86 -2.60 1.02 3.34
CA GLU B 86 -2.22 -0.03 4.25
C GLU B 86 -3.17 -1.21 4.10
N PHE B 87 -2.65 -2.40 4.41
CA PHE B 87 -3.48 -3.60 4.38
C PHE B 87 -4.52 -3.56 5.49
N GLY B 88 -5.71 -4.08 5.17
CA GLY B 88 -6.79 -4.18 6.12
C GLY B 88 -7.83 -5.14 5.57
N HIS B 89 -7.96 -6.29 6.21
CA HIS B 89 -8.74 -7.38 5.63
C HIS B 89 -10.22 -7.03 5.37
N GLU B 90 -10.80 -6.19 6.22
CA GLU B 90 -12.22 -5.90 6.12
C GLU B 90 -12.54 -4.66 5.26
N PHE B 91 -11.50 -4.05 4.69
CA PHE B 91 -11.68 -2.80 3.94
C PHE B 91 -11.43 -2.99 2.45
N ASP B 92 -12.27 -2.37 1.63
CA ASP B 92 -11.98 -2.24 0.20
C ASP B 92 -11.87 -0.77 -0.14
N LEU B 93 -10.78 -0.37 -0.78
CA LEU B 93 -10.60 1.01 -1.18
C LEU B 93 -11.11 1.22 -2.61
N TYR B 94 -11.83 2.32 -2.83
CA TYR B 94 -12.29 2.68 -4.16
C TYR B 94 -11.92 4.12 -4.50
N GLU B 95 -11.18 4.31 -5.58
CA GLU B 95 -10.73 5.65 -5.97
C GLU B 95 -11.33 6.02 -7.31
N ASN B 96 -11.96 7.19 -7.38
CA ASN B 96 -12.51 7.68 -8.63
C ASN B 96 -11.39 7.85 -9.66
N LYS B 97 -11.51 7.17 -10.79
CA LYS B 97 -10.44 7.15 -11.77
C LYS B 97 -10.11 8.53 -12.33
N ASP B 98 -11.10 9.42 -12.34
CA ASP B 98 -10.89 10.75 -12.93
C ASP B 98 -9.68 11.43 -12.34
N TYR B 99 -9.44 11.20 -11.05
CA TYR B 99 -8.39 11.91 -10.34
C TYR B 99 -7.03 11.23 -10.46
N ILE B 100 -7.04 9.94 -10.82
CA ILE B 100 -5.81 9.18 -10.84
C ILE B 100 -5.39 8.78 -12.26
N ARG B 101 -6.31 8.87 -13.21
CA ARG B 101 -5.99 8.51 -14.59
CA ARG B 101 -6.01 8.55 -14.61
C ARG B 101 -4.77 9.28 -15.07
N ASN B 102 -3.85 8.57 -15.73
CA ASN B 102 -2.61 9.17 -16.21
C ASN B 102 -2.69 9.55 -17.68
N CYS B 103 -3.90 9.62 -18.22
CA CYS B 103 -4.10 9.87 -19.63
C CYS B 103 -5.51 10.39 -19.86
N ILE B 104 -5.78 10.92 -21.04
CA ILE B 104 -7.11 11.46 -21.33
C ILE B 104 -7.81 10.69 -22.43
N ILE B 105 -9.14 10.65 -22.36
CA ILE B 105 -9.95 10.17 -23.48
C ILE B 105 -10.46 11.37 -24.27
N GLY B 106 -10.07 11.45 -25.53
CA GLY B 106 -10.53 12.52 -26.40
C GLY B 106 -10.02 13.89 -26.00
N LYS B 107 -10.95 14.79 -25.68
CA LYS B 107 -10.60 16.15 -25.33
C LYS B 107 -10.33 16.31 -23.83
N GLY B 108 -10.41 15.20 -23.11
CA GLY B 108 -10.09 15.19 -21.69
C GLY B 108 -11.01 16.04 -20.83
N ARG B 109 -12.29 16.02 -21.15
CA ARG B 109 -13.27 16.77 -20.38
C ARG B 109 -13.35 16.27 -18.93
N SER B 110 -13.03 14.99 -18.75
N SER B 110 -13.05 14.99 -18.75
CA SER B 110 -13.13 14.35 -17.44
CA SER B 110 -13.14 14.37 -17.42
C SER B 110 -11.83 14.38 -16.66
C SER B 110 -11.78 14.22 -16.74
N TYR B 111 -10.75 14.84 -17.30
CA TYR B 111 -9.44 14.82 -16.68
C TYR B 111 -9.43 15.63 -15.39
N LYS B 112 -9.06 14.97 -14.30
CA LYS B 112 -8.94 15.64 -13.00
CA LYS B 112 -8.95 15.62 -13.00
C LYS B 112 -7.67 15.20 -12.30
N GLY B 113 -6.66 14.86 -13.09
CA GLY B 113 -5.36 14.43 -12.58
C GLY B 113 -4.51 15.58 -12.09
N THR B 114 -3.24 15.30 -11.79
CA THR B 114 -2.38 16.27 -11.12
C THR B 114 -1.26 16.82 -11.98
N VAL B 115 -1.34 16.62 -13.29
CA VAL B 115 -0.35 17.22 -14.18
C VAL B 115 -0.50 18.74 -14.07
N SER B 116 0.60 19.43 -13.86
CA SER B 116 0.55 20.86 -13.53
C SER B 116 1.58 21.67 -14.31
N ILE B 117 1.97 21.17 -15.48
CA ILE B 117 2.88 21.89 -16.37
CA ILE B 117 2.90 21.85 -16.36
C ILE B 117 2.38 21.82 -17.80
N THR B 118 2.68 22.86 -18.56
CA THR B 118 2.24 22.93 -19.95
C THR B 118 3.12 22.09 -20.88
N LYS B 119 2.69 22.03 -22.13
CA LYS B 119 3.42 21.35 -23.19
C LYS B 119 4.87 21.83 -23.25
N SER B 120 5.09 23.10 -22.91
CA SER B 120 6.42 23.69 -22.98
C SER B 120 7.09 23.66 -21.61
N ASP B 121 6.56 22.85 -20.72
CA ASP B 121 7.12 22.66 -19.38
C ASP B 121 7.05 23.91 -18.49
N ILE B 122 6.02 24.74 -18.71
CA ILE B 122 5.82 25.89 -17.85
C ILE B 122 4.90 25.49 -16.71
N LYS B 123 5.31 25.77 -15.47
CA LYS B 123 4.46 25.51 -14.33
C LYS B 123 3.16 26.30 -14.46
N CYS B 124 2.03 25.62 -14.32
CA CYS B 124 0.73 26.27 -14.42
C CYS B 124 0.52 27.24 -13.27
N GLN B 125 -0.25 28.30 -13.55
CA GLN B 125 -0.72 29.23 -12.55
C GLN B 125 -1.93 28.63 -11.83
N PRO B 126 -2.07 28.88 -10.52
CA PRO B 126 -3.24 28.35 -9.81
C PRO B 126 -4.53 28.98 -10.34
N TRP B 127 -5.57 28.17 -10.50
CA TRP B 127 -6.85 28.67 -10.98
C TRP B 127 -7.41 29.78 -10.08
N SER B 128 -7.18 29.67 -8.78
CA SER B 128 -7.73 30.67 -7.86
C SER B 128 -6.94 31.98 -7.85
N SER B 129 -5.79 31.98 -8.51
N SER B 129 -5.78 31.98 -8.51
CA SER B 129 -4.93 33.17 -8.57
CA SER B 129 -4.94 33.16 -8.57
C SER B 129 -5.23 34.01 -9.80
C SER B 129 -5.27 34.01 -9.81
N MET B 130 -5.11 35.33 -9.66
CA MET B 130 -5.31 36.25 -10.79
C MET B 130 -3.94 36.71 -11.30
N ILE B 131 -2.89 36.18 -10.69
CA ILE B 131 -1.51 36.57 -10.99
C ILE B 131 -0.70 35.35 -11.43
N PRO B 132 0.09 35.49 -12.51
CA PRO B 132 0.29 36.70 -13.32
C PRO B 132 -0.82 37.00 -14.34
N HIS B 133 -1.76 36.08 -14.54
CA HIS B 133 -2.81 36.31 -15.54
C HIS B 133 -4.20 36.40 -14.91
N GLU B 134 -4.85 37.55 -15.11
CA GLU B 134 -6.20 37.74 -14.62
C GLU B 134 -7.19 37.01 -15.54
N HIS B 135 -8.19 36.37 -14.95
CA HIS B 135 -9.11 35.53 -15.71
C HIS B 135 -10.41 35.31 -14.96
N SER B 136 -11.39 34.70 -15.63
CA SER B 136 -12.69 34.48 -15.02
C SER B 136 -12.99 33.00 -14.80
N PHE B 137 -11.94 32.18 -14.77
CA PHE B 137 -12.12 30.74 -14.55
C PHE B 137 -11.99 30.41 -13.07
N LEU B 138 -12.86 31.00 -12.25
CA LEU B 138 -12.86 30.73 -10.83
C LEU B 138 -13.59 29.43 -10.54
N PRO B 139 -13.04 28.62 -9.62
CA PRO B 139 -13.61 27.32 -9.24
C PRO B 139 -15.09 27.45 -8.94
N SER B 140 -15.46 28.57 -8.32
CA SER B 140 -16.85 28.85 -8.00
CA SER B 140 -16.85 28.85 -8.01
C SER B 140 -17.72 28.78 -9.26
N SER B 141 -17.30 29.50 -10.30
CA SER B 141 -18.05 29.58 -11.55
C SER B 141 -18.02 28.29 -12.35
N TYR B 142 -17.21 27.33 -11.91
CA TYR B 142 -17.08 26.06 -12.63
C TYR B 142 -17.12 24.86 -11.67
N ARG B 143 -18.32 24.54 -11.20
CA ARG B 143 -18.49 23.42 -10.27
C ARG B 143 -18.45 22.07 -11.00
N GLY B 144 -17.78 21.10 -10.39
CA GLY B 144 -17.65 19.79 -10.99
C GLY B 144 -16.52 19.73 -12.00
N LYS B 145 -15.85 20.87 -12.19
CA LYS B 145 -14.74 20.96 -13.13
C LYS B 145 -13.41 20.87 -12.38
N ASP B 146 -13.49 20.85 -11.06
CA ASP B 146 -12.33 20.68 -10.21
C ASP B 146 -11.17 21.60 -10.62
N LEU B 147 -11.46 22.88 -10.77
CA LEU B 147 -10.42 23.85 -11.01
C LEU B 147 -9.64 24.09 -9.72
N GLN B 148 -8.93 23.05 -9.29
CA GLN B 148 -8.20 23.10 -8.04
C GLN B 148 -6.71 23.23 -8.27
N GLU B 149 -6.00 23.78 -7.28
CA GLU B 149 -4.56 23.99 -7.36
C GLU B 149 -4.20 24.65 -8.69
N ASN B 150 -3.15 24.15 -9.33
CA ASN B 150 -2.73 24.59 -10.65
C ASN B 150 -2.75 23.44 -11.66
N TYR B 151 -3.77 22.59 -11.58
CA TYR B 151 -3.83 21.39 -12.39
C TYR B 151 -4.38 21.69 -13.78
N CYS B 152 -3.81 21.06 -14.79
CA CYS B 152 -4.32 21.17 -16.15
C CYS B 152 -5.76 20.70 -16.21
N ARG B 153 -6.64 21.51 -16.82
CA ARG B 153 -8.04 21.17 -16.94
C ARG B 153 -8.61 21.60 -18.28
N ASN B 154 -9.72 20.99 -18.67
CA ASN B 154 -10.45 21.40 -19.86
C ASN B 154 -11.90 21.66 -19.50
N PRO B 155 -12.14 22.74 -18.72
CA PRO B 155 -13.44 23.00 -18.11
C PRO B 155 -14.57 23.23 -19.11
N ARG B 156 -14.24 23.70 -20.30
CA ARG B 156 -15.27 23.96 -21.31
C ARG B 156 -15.23 22.93 -22.44
N GLY B 157 -14.51 21.83 -22.21
CA GLY B 157 -14.47 20.74 -23.16
C GLY B 157 -14.07 21.17 -24.56
N GLU B 158 -12.98 21.92 -24.66
CA GLU B 158 -12.55 22.48 -25.93
C GLU B 158 -11.55 21.60 -26.68
N GLU B 159 -11.49 21.79 -27.99
CA GLU B 159 -10.48 21.15 -28.83
C GLU B 159 -9.09 21.47 -28.27
N GLY B 160 -8.22 20.47 -28.22
CA GLY B 160 -6.87 20.68 -27.72
C GLY B 160 -6.61 20.01 -26.38
N GLY B 161 -7.66 19.84 -25.58
CA GLY B 161 -7.55 19.12 -24.33
C GLY B 161 -7.22 20.03 -23.15
N PRO B 162 -6.90 19.42 -21.99
CA PRO B 162 -6.59 20.18 -20.78
C PRO B 162 -5.49 21.22 -21.01
N TRP B 163 -5.64 22.35 -20.35
CA TRP B 163 -4.70 23.45 -20.47
C TRP B 163 -4.64 24.13 -19.12
N CYS B 164 -3.85 25.19 -19.03
CA CYS B 164 -3.81 26.01 -17.83
C CYS B 164 -3.26 27.39 -18.17
N PHE B 165 -3.58 28.38 -17.36
CA PHE B 165 -2.86 29.65 -17.40
C PHE B 165 -1.45 29.37 -16.87
N THR B 166 -0.44 29.99 -17.45
CA THR B 166 0.94 29.66 -17.08
C THR B 166 1.53 30.68 -16.11
N SER B 167 2.44 30.21 -15.26
CA SER B 167 3.10 31.08 -14.30
C SER B 167 4.04 32.07 -15.00
N ASN B 168 4.28 31.85 -16.28
CA ASN B 168 5.05 32.79 -17.08
C ASN B 168 4.21 33.98 -17.54
N PRO B 169 4.59 35.19 -17.10
CA PRO B 169 3.86 36.44 -17.38
C PRO B 169 3.67 36.71 -18.87
N GLU B 170 4.49 36.07 -19.70
CA GLU B 170 4.47 36.34 -21.14
C GLU B 170 3.66 35.31 -21.91
N VAL B 171 3.23 34.25 -21.22
CA VAL B 171 2.42 33.21 -21.85
C VAL B 171 1.14 33.01 -21.04
N ARG B 172 0.06 33.61 -21.53
CA ARG B 172 -1.19 33.61 -20.78
C ARG B 172 -1.66 32.19 -20.46
N TYR B 173 -1.77 31.37 -21.50
CA TYR B 173 -2.17 29.98 -21.30
C TYR B 173 -1.50 29.08 -22.34
N GLU B 174 -1.53 27.78 -22.09
CA GLU B 174 -1.00 26.81 -23.03
C GLU B 174 -1.60 25.45 -22.74
N VAL B 175 -1.78 24.63 -23.76
CA VAL B 175 -2.27 23.28 -23.53
C VAL B 175 -1.20 22.50 -22.80
N CYS B 176 -1.63 21.46 -22.10
CA CYS B 176 -0.68 20.58 -21.44
C CYS B 176 -0.41 19.39 -22.34
N ASP B 177 0.59 18.59 -21.98
CA ASP B 177 0.98 17.47 -22.82
C ASP B 177 0.60 16.16 -22.16
N ILE B 178 -0.67 15.83 -22.20
CA ILE B 178 -1.18 14.62 -21.55
C ILE B 178 -1.64 13.64 -22.60
N PRO B 179 -1.02 12.46 -22.66
CA PRO B 179 -1.28 11.49 -23.72
C PRO B 179 -2.69 10.92 -23.69
N GLN B 180 -3.17 10.51 -24.86
CA GLN B 180 -4.43 9.79 -24.96
C GLN B 180 -4.24 8.43 -24.30
N CYS B 181 -5.29 7.94 -23.64
CA CYS B 181 -5.21 6.61 -23.06
C CYS B 181 -4.94 5.58 -24.15
N SER B 182 -5.40 5.88 -25.36
CA SER B 182 -5.20 4.99 -26.50
C SER B 182 -3.73 4.85 -26.87
N GLU B 183 -2.91 5.83 -26.49
CA GLU B 183 -1.47 5.76 -26.78
CA GLU B 183 -1.47 5.77 -26.78
C GLU B 183 -0.68 5.17 -25.61
N VAL B 184 -1.26 5.23 -24.42
CA VAL B 184 -0.58 4.72 -23.22
C VAL B 184 -0.75 3.21 -23.09
N GLU B 185 -1.92 2.71 -23.46
CA GLU B 185 -2.22 1.29 -23.33
C GLU B 185 -1.76 0.51 -24.55
N CYS B 186 -1.21 -0.69 -24.32
CA CYS B 186 -0.84 -1.57 -25.43
C CYS B 186 -0.84 -3.03 -24.97
N MET B 187 -0.90 -3.94 -25.93
CA MET B 187 -0.93 -5.36 -25.58
C MET B 187 -0.04 -6.15 -26.52
N THR B 188 0.29 -7.37 -26.12
CA THR B 188 1.08 -8.27 -26.95
C THR B 188 0.18 -9.38 -27.49
N SER B 189 0.44 -9.78 -28.73
CA SER B 189 -0.39 -10.74 -29.47
C SER B 189 -1.89 -10.46 -29.34
N ASN B 190 -2.63 -11.41 -28.78
CA ASN B 190 -4.09 -11.30 -28.70
C ASN B 190 -4.58 -10.69 -27.39
N GLY B 191 -3.65 -10.30 -26.53
CA GLY B 191 -4.00 -9.63 -25.29
C GLY B 191 -4.43 -10.55 -24.15
N GLU B 192 -4.15 -11.84 -24.28
CA GLU B 192 -4.44 -12.75 -23.16
C GLU B 192 -3.70 -12.28 -21.93
N SER B 193 -2.52 -11.70 -22.14
CA SER B 193 -1.68 -11.27 -21.03
C SER B 193 -1.94 -9.82 -20.65
N TYR B 194 -2.84 -9.17 -21.38
CA TYR B 194 -3.15 -7.76 -21.13
C TYR B 194 -3.73 -7.56 -19.75
N ARG B 195 -3.09 -6.67 -18.98
CA ARG B 195 -3.56 -6.33 -17.64
C ARG B 195 -3.60 -4.81 -17.46
N GLY B 196 -3.78 -4.10 -18.58
CA GLY B 196 -3.80 -2.66 -18.59
C GLY B 196 -5.11 -2.07 -18.11
N LEU B 197 -5.25 -0.75 -18.27
CA LEU B 197 -6.38 -0.04 -17.69
C LEU B 197 -7.43 0.45 -18.71
N MET B 198 -7.38 -0.05 -19.95
CA MET B 198 -8.43 0.25 -20.91
C MET B 198 -9.77 -0.24 -20.37
N ASP B 199 -10.75 0.68 -20.29
CA ASP B 199 -12.01 0.41 -19.62
C ASP B 199 -13.22 0.89 -20.41
N HIS B 200 -13.02 1.12 -21.70
CA HIS B 200 -14.10 1.47 -22.64
CA HIS B 200 -14.15 1.36 -22.59
C HIS B 200 -13.96 0.57 -23.86
N THR B 201 -15.07 0.32 -24.55
CA THR B 201 -15.04 -0.50 -25.77
C THR B 201 -14.52 0.30 -26.97
N GLU B 202 -14.32 -0.39 -28.09
CA GLU B 202 -13.76 0.26 -29.28
C GLU B 202 -14.72 1.28 -29.89
N SER B 203 -15.96 1.27 -29.43
CA SER B 203 -16.95 2.27 -29.87
C SER B 203 -17.23 3.27 -28.75
N GLY B 204 -16.50 3.15 -27.65
CA GLY B 204 -16.57 4.15 -26.59
C GLY B 204 -17.58 3.84 -25.48
N LYS B 205 -18.17 2.66 -25.51
CA LYS B 205 -19.08 2.26 -24.45
C LYS B 205 -18.31 1.99 -23.15
N ILE B 206 -18.91 2.35 -22.02
CA ILE B 206 -18.31 2.09 -20.72
C ILE B 206 -18.42 0.61 -20.39
N CYS B 207 -17.34 0.04 -19.85
CA CYS B 207 -17.37 -1.37 -19.49
C CYS B 207 -18.09 -1.60 -18.17
N GLN B 208 -18.74 -2.75 -18.06
CA GLN B 208 -19.29 -3.22 -16.79
C GLN B 208 -18.20 -3.83 -15.92
N ARG B 209 -18.26 -3.59 -14.61
CA ARG B 209 -17.34 -4.24 -13.68
C ARG B 209 -17.51 -5.76 -13.70
N TRP B 210 -16.40 -6.49 -13.78
CA TRP B 210 -16.44 -7.94 -13.73
C TRP B 210 -17.13 -8.43 -12.46
N ASP B 211 -16.91 -7.72 -11.35
CA ASP B 211 -17.51 -8.13 -10.08
C ASP B 211 -19.00 -7.78 -9.97
N HIS B 212 -19.59 -7.34 -11.07
CA HIS B 212 -21.03 -7.09 -11.12
C HIS B 212 -21.74 -8.04 -12.08
N GLN B 213 -23.01 -8.33 -11.79
CA GLN B 213 -23.82 -9.22 -12.60
C GLN B 213 -24.96 -8.44 -13.23
N THR B 214 -24.81 -7.12 -13.24
CA THR B 214 -25.81 -6.22 -13.78
C THR B 214 -25.10 -5.09 -14.52
N PRO B 215 -25.64 -4.69 -15.69
CA PRO B 215 -26.85 -5.20 -16.33
C PRO B 215 -26.73 -6.60 -16.92
N HIS B 216 -25.51 -7.13 -17.04
CA HIS B 216 -25.32 -8.43 -17.67
C HIS B 216 -24.83 -9.51 -16.72
N ARG B 217 -25.54 -10.64 -16.69
CA ARG B 217 -25.12 -11.79 -15.91
C ARG B 217 -24.04 -12.53 -16.69
N HIS B 218 -23.04 -13.07 -15.99
CA HIS B 218 -21.94 -13.73 -16.65
C HIS B 218 -21.20 -14.70 -15.73
N LYS B 219 -20.39 -15.57 -16.31
CA LYS B 219 -19.73 -16.64 -15.56
C LYS B 219 -18.36 -16.25 -15.03
N PHE B 220 -17.86 -15.09 -15.47
CA PHE B 220 -16.49 -14.70 -15.12
C PHE B 220 -16.39 -14.01 -13.76
N LEU B 221 -16.78 -14.71 -12.70
CA LEU B 221 -16.59 -14.23 -11.34
C LEU B 221 -15.10 -14.16 -11.02
N PRO B 222 -14.62 -12.96 -10.68
CA PRO B 222 -13.20 -12.75 -10.37
C PRO B 222 -12.64 -13.82 -9.42
N GLU B 223 -13.42 -14.25 -8.45
CA GLU B 223 -12.92 -15.19 -7.44
C GLU B 223 -12.68 -16.60 -8.00
N ARG B 224 -13.39 -16.97 -9.07
CA ARG B 224 -13.18 -18.29 -9.66
C ARG B 224 -12.21 -18.26 -10.84
N TYR B 225 -11.79 -17.06 -11.24
CA TYR B 225 -10.77 -16.91 -12.27
C TYR B 225 -9.70 -15.95 -11.79
N PRO B 226 -9.02 -16.29 -10.69
CA PRO B 226 -8.09 -15.36 -10.02
C PRO B 226 -6.88 -15.00 -10.85
N ASP B 227 -6.73 -15.69 -11.97
N ASP B 227 -6.63 -15.68 -11.96
CA ASP B 227 -5.57 -15.58 -12.86
CA ASP B 227 -5.47 -15.31 -12.76
C ASP B 227 -5.85 -14.70 -14.08
C ASP B 227 -5.83 -14.65 -14.09
N LYS B 228 -7.11 -14.29 -14.25
CA LYS B 228 -7.55 -13.63 -15.48
C LYS B 228 -7.46 -12.09 -15.44
N GLY B 229 -7.20 -11.53 -14.26
CA GLY B 229 -7.10 -10.09 -14.11
C GLY B 229 -8.44 -9.37 -14.18
N PHE B 230 -9.48 -9.99 -13.62
CA PHE B 230 -10.81 -9.42 -13.64
C PHE B 230 -10.95 -8.35 -12.57
N ASP B 231 -10.22 -7.25 -12.77
CA ASP B 231 -10.25 -6.13 -11.84
C ASP B 231 -11.09 -4.99 -12.42
N ASP B 232 -11.84 -4.32 -11.55
CA ASP B 232 -12.68 -3.19 -11.96
C ASP B 232 -13.44 -3.54 -13.25
N ASN B 233 -13.40 -2.65 -14.25
CA ASN B 233 -14.07 -2.90 -15.52
C ASN B 233 -13.11 -2.89 -16.72
N TYR B 234 -11.91 -3.40 -16.53
CA TYR B 234 -10.88 -3.36 -17.57
C TYR B 234 -11.11 -4.42 -18.64
N CYS B 235 -10.89 -4.04 -19.89
CA CYS B 235 -10.97 -4.99 -21.00
C CYS B 235 -10.00 -6.12 -20.77
N ARG B 236 -10.50 -7.35 -20.95
CA ARG B 236 -9.66 -8.53 -20.80
C ARG B 236 -9.97 -9.56 -21.89
N ASN B 237 -9.04 -10.49 -22.09
CA ASN B 237 -9.24 -11.55 -23.06
C ASN B 237 -9.02 -12.92 -22.41
N PRO B 238 -9.98 -13.35 -21.58
CA PRO B 238 -9.84 -14.60 -20.82
C PRO B 238 -10.23 -15.81 -21.64
N ASP B 239 -10.83 -15.61 -22.81
CA ASP B 239 -11.42 -16.72 -23.55
C ASP B 239 -11.01 -16.81 -25.02
N GLY B 240 -9.74 -16.55 -25.31
CA GLY B 240 -9.17 -16.86 -26.61
C GLY B 240 -9.67 -16.05 -27.80
N GLN B 241 -9.98 -14.79 -27.58
CA GLN B 241 -10.46 -13.91 -28.63
C GLN B 241 -9.28 -13.26 -29.37
N PRO B 242 -9.58 -12.57 -30.49
CA PRO B 242 -8.59 -11.77 -31.22
C PRO B 242 -8.03 -10.64 -30.35
N ARG B 243 -8.83 -10.13 -29.42
CA ARG B 243 -8.40 -9.02 -28.57
C ARG B 243 -9.29 -8.91 -27.35
N PRO B 244 -8.84 -8.15 -26.34
CA PRO B 244 -9.63 -7.98 -25.11
C PRO B 244 -11.00 -7.35 -25.37
N TRP B 245 -11.91 -7.60 -24.44
CA TRP B 245 -13.28 -7.15 -24.56
C TRP B 245 -13.83 -6.93 -23.15
N CYS B 246 -15.06 -6.45 -23.07
CA CYS B 246 -15.70 -6.29 -21.77
C CYS B 246 -17.22 -6.34 -21.93
N TYR B 247 -17.90 -6.75 -20.87
CA TYR B 247 -19.34 -6.56 -20.83
C TYR B 247 -19.59 -5.06 -20.75
N THR B 248 -20.74 -4.63 -21.28
CA THR B 248 -21.02 -3.23 -21.46
C THR B 248 -22.11 -2.73 -20.51
N LEU B 249 -22.06 -1.46 -20.14
CA LEU B 249 -23.12 -0.87 -19.32
C LEU B 249 -24.38 -0.61 -20.12
N ASP B 250 -24.29 -0.73 -21.44
CA ASP B 250 -25.46 -0.65 -22.30
C ASP B 250 -26.21 -1.97 -22.28
N PRO B 251 -27.41 -1.97 -21.68
CA PRO B 251 -28.19 -3.22 -21.58
C PRO B 251 -28.47 -3.86 -22.93
N HIS B 252 -28.36 -3.11 -24.01
CA HIS B 252 -28.60 -3.63 -25.35
C HIS B 252 -27.35 -4.19 -26.00
N THR B 253 -26.20 -3.98 -25.36
CA THR B 253 -24.95 -4.53 -25.84
C THR B 253 -24.28 -5.34 -24.73
N ARG B 254 -24.45 -6.66 -24.78
CA ARG B 254 -23.93 -7.54 -23.76
C ARG B 254 -22.42 -7.40 -23.60
N TRP B 255 -21.70 -7.47 -24.72
CA TRP B 255 -20.26 -7.29 -24.70
C TRP B 255 -19.77 -6.71 -26.02
N GLU B 256 -18.60 -6.10 -25.98
CA GLU B 256 -18.00 -5.52 -27.18
C GLU B 256 -16.48 -5.62 -27.05
N TYR B 257 -15.78 -5.76 -28.16
CA TYR B 257 -14.32 -5.73 -28.15
C TYR B 257 -13.83 -4.34 -27.82
N CYS B 258 -12.62 -4.26 -27.30
CA CYS B 258 -12.00 -2.97 -27.01
C CYS B 258 -10.95 -2.65 -28.06
N LYS B 259 -10.52 -1.40 -28.09
CA LYS B 259 -9.48 -0.98 -29.01
C LYS B 259 -8.20 -0.76 -28.22
N ILE B 260 -7.23 -1.64 -28.46
CA ILE B 260 -5.95 -1.57 -27.76
C ILE B 260 -4.87 -1.85 -28.80
N LYS B 261 -3.86 -0.99 -28.87
CA LYS B 261 -2.83 -1.15 -29.87
C LYS B 261 -1.82 -2.21 -29.47
N THR B 262 -1.13 -2.76 -30.46
CA THR B 262 -0.07 -3.71 -30.22
C THR B 262 1.14 -2.96 -29.68
N CYS B 263 1.79 -3.52 -28.67
CA CYS B 263 2.97 -2.87 -28.10
C CYS B 263 4.07 -2.71 -29.16
N LYS B 264 4.81 -1.61 -29.05
CA LYS B 264 5.84 -1.25 -30.03
C LYS B 264 5.22 -0.67 -31.30
#